data_4KVH
#
_entry.id   4KVH
#
_cell.length_a   91.785
_cell.length_b   91.785
_cell.length_c   77.963
_cell.angle_alpha   90.000
_cell.angle_beta   90.000
_cell.angle_gamma   120.000
#
_symmetry.space_group_name_H-M   'P 63 2 2'
#
loop_
_entity.id
_entity.type
_entity.pdbx_description
1 polymer 'Ketosteroid isomerase fold protein Hmuk_0747'
2 non-polymer 'CACODYLATE ION'
3 non-polymer GLYCEROL
4 non-polymer 'BROMIDE ION'
5 non-polymer 'FORMIC ACID'
6 water water
#
_entity_poly.entity_id   1
_entity_poly.type   'polypeptide(L)'
_entity_poly.pdbx_seq_one_letter_code
;SNAMDRVATARAYYRALDEHDYDLLSDVLAPDFVHDRPDRTIEGRERFVRFMREERPQTDTSHPIATIYTGASTVAVEGR
LLNSDGAEITQFVDVFAFEDGVIGRIRTHTPEP
;
_entity_poly.pdbx_strand_id   A
#
loop_
_chem_comp.id
_chem_comp.type
_chem_comp.name
_chem_comp.formula
BR non-polymer 'BROMIDE ION' 'Br -1'
CAC non-polymer 'CACODYLATE ION' 'C2 H6 As O2 -1'
FMT non-polymer 'FORMIC ACID' 'C H2 O2'
GOL non-polymer GLYCEROL 'C3 H8 O3'
#
# COMPACT_ATOMS: atom_id res chain seq x y z
N ASN A 2 12.41 -14.59 0.48
CA ASN A 2 13.50 -13.67 0.93
C ASN A 2 12.93 -12.42 1.64
N ALA A 3 13.24 -12.27 2.92
CA ALA A 3 12.69 -11.19 3.73
C ALA A 3 13.20 -9.81 3.29
N MET A 4 14.46 -9.72 2.88
CA MET A 4 14.99 -8.46 2.35
C MET A 4 14.19 -8.00 1.10
N ASP A 5 13.94 -8.94 0.20
CA ASP A 5 13.19 -8.69 -1.01
C ASP A 5 11.77 -8.24 -0.70
N ARG A 6 11.13 -8.89 0.27
CA ARG A 6 9.76 -8.49 0.64
C ARG A 6 9.70 -7.07 1.18
N VAL A 7 10.65 -6.71 2.01
CA VAL A 7 10.70 -5.37 2.55
C VAL A 7 10.94 -4.35 1.43
N ALA A 8 11.88 -4.67 0.53
CA ALA A 8 12.16 -3.78 -0.62
C ALA A 8 10.91 -3.59 -1.45
N THR A 9 10.14 -4.65 -1.63
CA THR A 9 8.93 -4.58 -2.45
C THR A 9 7.86 -3.72 -1.76
N ALA A 10 7.67 -3.90 -0.44
CA ALA A 10 6.78 -3.01 0.31
C ALA A 10 7.20 -1.54 0.18
N ARG A 11 8.49 -1.25 0.30
CA ARG A 11 8.95 0.13 0.18
C ARG A 11 8.66 0.67 -1.23
N ALA A 12 8.86 -0.18 -2.23
CA ALA A 12 8.59 0.19 -3.65
C ALA A 12 7.12 0.52 -3.86
N TYR A 13 6.23 -0.22 -3.21
CA TYR A 13 4.82 0.11 -3.27
C TYR A 13 4.54 1.55 -2.83
N TYR A 14 5.07 1.98 -1.68
CA TYR A 14 4.79 3.32 -1.20
C TYR A 14 5.47 4.35 -2.11
N ARG A 15 6.66 4.03 -2.59
CA ARG A 15 7.38 4.92 -3.55
C ARG A 15 6.51 5.11 -4.78
N ALA A 16 5.98 4.03 -5.33
CA ALA A 16 5.14 4.12 -6.52
C ALA A 16 3.89 4.95 -6.28
N LEU A 17 3.22 4.78 -5.13
CA LEU A 17 2.04 5.58 -4.83
C LEU A 17 2.37 7.06 -4.71
N ASP A 18 3.45 7.36 -4.02
CA ASP A 18 3.79 8.74 -3.72
C ASP A 18 4.35 9.46 -4.92
N GLU A 19 5.00 8.73 -5.81
CA GLU A 19 5.59 9.27 -7.06
C GLU A 19 4.63 9.18 -8.25
N HIS A 20 3.48 8.50 -8.08
CA HIS A 20 2.56 8.28 -9.19
C HIS A 20 3.23 7.54 -10.34
N ASP A 21 4.04 6.56 -9.97
CA ASP A 21 4.73 5.70 -10.91
C ASP A 21 3.88 4.45 -11.08
N TYR A 22 2.89 4.51 -11.96
CA TYR A 22 1.91 3.40 -12.09
C TYR A 22 2.51 2.16 -12.70
N ASP A 23 3.56 2.30 -13.49
CA ASP A 23 4.23 1.13 -14.02
C ASP A 23 4.94 0.36 -12.91
N LEU A 24 5.60 1.07 -11.99
CA LEU A 24 6.21 0.42 -10.82
C LEU A 24 5.12 -0.17 -9.95
N LEU A 25 4.04 0.58 -9.75
CA LEU A 25 2.95 0.09 -8.90
C LEU A 25 2.43 -1.22 -9.46
N SER A 26 2.16 -1.26 -10.77
CA SER A 26 1.64 -2.47 -11.39
C SER A 26 2.63 -3.61 -11.22
N ASP A 27 3.91 -3.29 -11.32
CA ASP A 27 4.93 -4.32 -11.32
C ASP A 27 5.18 -4.96 -9.93
N VAL A 28 4.79 -4.30 -8.86
CA VAL A 28 4.96 -4.89 -7.51
C VAL A 28 3.71 -5.61 -7.05
N LEU A 29 2.65 -5.61 -7.87
CA LEU A 29 1.36 -6.25 -7.49
C LEU A 29 1.09 -7.51 -8.31
N ALA A 30 0.53 -8.54 -7.65
CA ALA A 30 -0.01 -9.70 -8.34
C ALA A 30 -1.24 -9.29 -9.13
N PRO A 31 -1.56 -10.02 -10.21
CA PRO A 31 -2.77 -9.71 -10.96
C PRO A 31 -4.04 -9.68 -10.14
N ASP A 32 -4.11 -10.57 -9.16
CA ASP A 32 -5.29 -10.70 -8.32
C ASP A 32 -5.15 -9.96 -7.00
N PHE A 33 -4.27 -8.97 -6.95
CA PHE A 33 -4.07 -8.13 -5.77
C PHE A 33 -5.37 -7.61 -5.21
N VAL A 34 -5.48 -7.67 -3.90
CA VAL A 34 -6.61 -7.08 -3.19
C VAL A 34 -6.09 -6.10 -2.17
N HIS A 35 -6.72 -4.93 -2.14
CA HIS A 35 -6.47 -3.95 -1.11
C HIS A 35 -7.72 -3.86 -0.24
N ASP A 36 -7.56 -4.16 1.06
N ASP A 36 -7.54 -4.03 1.07
CA ASP A 36 -8.63 -3.97 2.06
CA ASP A 36 -8.64 -3.98 2.00
C ASP A 36 -8.33 -2.74 2.92
C ASP A 36 -8.41 -2.88 3.04
N ARG A 37 -9.33 -1.89 3.13
N ARG A 37 -9.30 -1.89 3.09
CA ARG A 37 -9.23 -0.87 4.16
CA ARG A 37 -9.24 -0.87 4.15
C ARG A 37 -10.59 -0.79 4.84
C ARG A 37 -10.60 -0.79 4.83
N PRO A 38 -10.71 -0.09 5.98
CA PRO A 38 -12.00 -0.09 6.65
C PRO A 38 -13.21 0.33 5.83
N ASP A 39 -13.02 1.28 4.92
N ASP A 39 -13.01 1.27 4.91
CA ASP A 39 -14.13 1.82 4.13
CA ASP A 39 -14.11 1.83 4.14
C ASP A 39 -14.44 1.05 2.85
C ASP A 39 -14.40 1.14 2.81
N ARG A 40 -13.48 0.29 2.33
CA ARG A 40 -13.68 -0.39 1.08
C ARG A 40 -12.62 -1.43 0.77
N THR A 41 -13.00 -2.32 -0.13
CA THR A 41 -12.10 -3.33 -0.68
C THR A 41 -12.06 -3.15 -2.19
N ILE A 42 -10.84 -3.15 -2.74
CA ILE A 42 -10.65 -3.13 -4.20
C ILE A 42 -9.94 -4.40 -4.60
N GLU A 43 -10.57 -5.17 -5.49
N GLU A 43 -10.57 -5.18 -5.47
CA GLU A 43 -10.05 -6.43 -5.99
CA GLU A 43 -10.02 -6.42 -5.98
C GLU A 43 -9.55 -6.27 -7.43
C GLU A 43 -9.54 -6.26 -7.42
N GLY A 44 -8.29 -6.63 -7.64
CA GLY A 44 -7.72 -6.66 -8.97
C GLY A 44 -6.67 -5.60 -9.17
N ARG A 45 -5.53 -6.01 -9.70
CA ARG A 45 -4.44 -5.05 -9.94
C ARG A 45 -4.84 -3.90 -10.90
N GLU A 46 -5.41 -4.25 -12.04
CA GLU A 46 -5.78 -3.23 -13.03
C GLU A 46 -6.79 -2.27 -12.44
N ARG A 47 -7.79 -2.82 -11.77
N ARG A 47 -7.80 -2.81 -11.75
CA ARG A 47 -8.81 -1.99 -11.11
CA ARG A 47 -8.80 -1.96 -11.11
C ARG A 47 -8.16 -1.07 -10.06
C ARG A 47 -8.16 -1.06 -10.07
N PHE A 48 -7.28 -1.62 -9.24
CA PHE A 48 -6.61 -0.82 -8.20
C PHE A 48 -5.77 0.33 -8.79
N VAL A 49 -5.02 0.01 -9.83
CA VAL A 49 -4.18 1.05 -10.43
C VAL A 49 -5.05 2.18 -11.01
N ARG A 50 -6.16 1.80 -11.64
CA ARG A 50 -7.11 2.83 -12.13
C ARG A 50 -7.66 3.68 -11.01
N PHE A 51 -8.09 3.06 -9.91
CA PHE A 51 -8.58 3.84 -8.80
C PHE A 51 -7.51 4.81 -8.29
N MET A 52 -6.27 4.32 -8.16
CA MET A 52 -5.21 5.21 -7.65
C MET A 52 -4.99 6.39 -8.59
N ARG A 53 -4.98 6.12 -9.88
CA ARG A 53 -4.79 7.19 -10.88
C ARG A 53 -5.96 8.17 -10.87
N GLU A 54 -7.18 7.64 -10.86
CA GLU A 54 -8.37 8.51 -10.91
C GLU A 54 -8.59 9.30 -9.63
N GLU A 55 -8.11 8.76 -8.51
CA GLU A 55 -8.29 9.44 -7.21
C GLU A 55 -7.17 10.42 -6.89
N ARG A 56 -6.13 10.46 -7.71
CA ARG A 56 -4.96 11.31 -7.43
C ARG A 56 -5.29 12.75 -7.04
N PRO A 57 -6.16 13.41 -7.78
CA PRO A 57 -6.42 14.83 -7.43
C PRO A 57 -7.23 15.10 -6.17
N GLN A 58 -7.80 14.06 -5.56
N GLN A 58 -7.84 14.06 -5.59
CA GLN A 58 -8.61 14.23 -4.35
CA GLN A 58 -8.58 14.16 -4.34
C GLN A 58 -7.85 14.62 -3.08
C GLN A 58 -7.75 14.78 -3.22
N THR A 59 -6.58 14.20 -2.95
CA THR A 59 -5.70 14.68 -1.85
C THR A 59 -4.25 14.77 -2.32
N ASP A 60 -3.39 15.34 -1.51
CA ASP A 60 -1.97 15.46 -1.85
C ASP A 60 -1.15 14.97 -0.68
N THR A 61 -1.19 13.66 -0.50
CA THR A 61 -0.59 13.00 0.65
C THR A 61 0.72 12.28 0.35
N SER A 62 1.39 11.94 1.45
N SER A 62 1.43 11.93 1.42
CA SER A 62 2.65 11.21 1.45
CA SER A 62 2.60 11.08 1.31
C SER A 62 2.49 10.05 2.44
C SER A 62 2.47 10.03 2.41
N HIS A 63 3.28 8.98 2.27
CA HIS A 63 3.18 7.78 3.15
C HIS A 63 4.55 7.50 3.80
N PRO A 64 5.05 8.45 4.60
CA PRO A 64 6.32 8.18 5.25
C PRO A 64 6.22 6.99 6.22
N ILE A 65 7.24 6.14 6.18
CA ILE A 65 7.28 4.91 6.94
C ILE A 65 7.98 5.21 8.24
N ALA A 66 7.36 4.78 9.33
CA ALA A 66 7.95 4.86 10.68
C ALA A 66 8.77 3.63 11.03
N THR A 67 8.16 2.47 10.95
CA THR A 67 8.83 1.23 11.27
C THR A 67 8.31 0.12 10.38
N ILE A 68 9.21 -0.73 9.91
CA ILE A 68 8.86 -1.93 9.18
C ILE A 68 9.10 -3.13 10.10
N TYR A 69 8.07 -3.95 10.21
CA TYR A 69 8.11 -5.19 11.01
C TYR A 69 8.00 -6.38 10.06
N THR A 70 8.92 -7.34 10.19
CA THR A 70 8.92 -8.52 9.35
C THR A 70 8.42 -9.73 10.12
N GLY A 71 7.58 -10.51 9.45
CA GLY A 71 7.09 -11.78 9.96
C GLY A 71 7.71 -12.91 9.18
N ALA A 72 7.19 -14.09 9.40
CA ALA A 72 7.60 -15.28 8.69
C ALA A 72 7.43 -15.18 7.18
N SER A 73 6.29 -14.65 6.76
N SER A 73 6.26 -14.69 6.78
CA SER A 73 5.97 -14.55 5.33
CA SER A 73 5.89 -14.60 5.35
C SER A 73 5.22 -13.28 4.94
C SER A 73 5.30 -13.25 4.93
N THR A 74 5.00 -12.38 5.89
CA THR A 74 4.30 -11.12 5.67
C THR A 74 5.14 -10.00 6.28
N VAL A 75 4.79 -8.78 5.91
CA VAL A 75 5.43 -7.56 6.37
C VAL A 75 4.36 -6.62 6.86
N ALA A 76 4.58 -5.99 8.02
CA ALA A 76 3.68 -5.00 8.56
C ALA A 76 4.43 -3.68 8.60
N VAL A 77 3.87 -2.69 7.95
CA VAL A 77 4.47 -1.36 7.90
C VAL A 77 3.65 -0.39 8.70
N GLU A 78 4.29 0.26 9.66
CA GLU A 78 3.64 1.28 10.43
C GLU A 78 4.11 2.60 9.84
N GLY A 79 3.15 3.42 9.44
CA GLY A 79 3.46 4.69 8.79
C GLY A 79 2.53 5.76 9.22
N ARG A 80 2.72 6.94 8.62
CA ARG A 80 1.87 8.08 8.83
C ARG A 80 1.41 8.50 7.46
N LEU A 81 0.15 8.90 7.37
CA LEU A 81 -0.38 9.51 6.17
C LEU A 81 -0.31 11.01 6.41
N LEU A 82 0.43 11.71 5.56
CA LEU A 82 0.60 13.17 5.71
C LEU A 82 -0.15 13.89 4.61
N ASN A 83 -0.70 15.06 4.94
CA ASN A 83 -1.28 15.96 3.94
C ASN A 83 -0.17 16.76 3.25
N SER A 84 -0.56 17.63 2.31
CA SER A 84 0.40 18.39 1.51
C SER A 84 1.23 19.38 2.32
N ASP A 85 0.70 19.80 3.45
CA ASP A 85 1.44 20.68 4.37
C ASP A 85 2.42 19.93 5.27
N GLY A 86 2.38 18.59 5.24
CA GLY A 86 3.24 17.77 6.08
C GLY A 86 2.63 17.47 7.44
N ALA A 87 1.32 17.71 7.58
CA ALA A 87 0.60 17.42 8.82
C ALA A 87 -0.07 16.04 8.81
N GLU A 88 -0.05 15.39 9.96
CA GLU A 88 -0.47 14.01 10.09
C GLU A 88 -1.99 13.85 10.06
N ILE A 89 -2.51 13.18 9.03
CA ILE A 89 -3.94 12.82 8.96
C ILE A 89 -4.24 11.63 9.86
N THR A 90 -3.49 10.54 9.68
CA THR A 90 -3.66 9.34 10.50
C THR A 90 -2.39 8.51 10.52
N GLN A 91 -2.27 7.72 11.57
N GLN A 91 -2.24 7.71 11.57
CA GLN A 91 -1.29 6.65 11.69
CA GLN A 91 -1.24 6.66 11.60
C GLN A 91 -1.92 5.43 11.01
C GLN A 91 -1.91 5.46 10.94
N PHE A 92 -1.11 4.52 10.47
CA PHE A 92 -1.67 3.28 9.89
C PHE A 92 -0.71 2.14 10.07
N VAL A 93 -1.25 0.93 10.01
CA VAL A 93 -0.48 -0.28 9.82
C VAL A 93 -1.04 -1.03 8.61
N ASP A 94 -0.17 -1.22 7.62
CA ASP A 94 -0.50 -1.98 6.41
C ASP A 94 0.19 -3.31 6.54
N VAL A 95 -0.54 -4.39 6.28
CA VAL A 95 0.02 -5.73 6.29
C VAL A 95 0.02 -6.30 4.89
N PHE A 96 1.20 -6.71 4.45
CA PHE A 96 1.49 -7.17 3.10
C PHE A 96 1.66 -8.68 3.08
N ALA A 97 0.88 -9.34 2.24
CA ALA A 97 1.03 -10.75 1.92
C ALA A 97 1.50 -10.90 0.49
N PHE A 98 2.30 -11.91 0.22
CA PHE A 98 2.99 -12.04 -1.05
C PHE A 98 2.60 -13.30 -1.82
N GLU A 99 2.80 -13.24 -3.13
N GLU A 99 2.65 -13.17 -3.15
CA GLU A 99 2.44 -14.31 -4.05
CA GLU A 99 2.51 -14.28 -4.10
C GLU A 99 3.52 -14.31 -5.13
C GLU A 99 3.69 -14.22 -5.00
N ASP A 100 4.44 -15.30 -5.12
CA ASP A 100 5.53 -15.37 -6.13
C ASP A 100 6.43 -14.07 -6.22
N GLY A 101 6.76 -13.50 -5.06
CA GLY A 101 7.61 -12.31 -5.00
C GLY A 101 6.95 -10.93 -5.13
N VAL A 102 5.68 -10.89 -5.49
CA VAL A 102 4.95 -9.64 -5.62
C VAL A 102 3.83 -9.63 -4.61
N ILE A 103 3.17 -8.50 -4.47
CA ILE A 103 2.20 -8.34 -3.40
C ILE A 103 0.84 -8.88 -3.82
N GLY A 104 0.32 -9.81 -3.03
CA GLY A 104 -1.02 -10.37 -3.24
C GLY A 104 -2.16 -9.66 -2.52
N ARG A 105 -1.85 -9.08 -1.35
N ARG A 105 -1.86 -9.09 -1.36
CA ARG A 105 -2.87 -8.41 -0.57
CA ARG A 105 -2.88 -8.42 -0.55
C ARG A 105 -2.22 -7.41 0.35
C ARG A 105 -2.23 -7.42 0.37
N ILE A 106 -2.89 -6.27 0.55
CA ILE A 106 -2.56 -5.35 1.62
C ILE A 106 -3.81 -5.12 2.43
N ARG A 107 -3.68 -5.28 3.76
CA ARG A 107 -4.75 -4.94 4.67
C ARG A 107 -4.34 -3.73 5.46
N THR A 108 -5.10 -2.65 5.30
CA THR A 108 -4.83 -1.40 5.97
C THR A 108 -5.65 -1.31 7.26
N HIS A 109 -4.97 -0.90 8.32
CA HIS A 109 -5.58 -0.74 9.63
C HIS A 109 -5.32 0.67 10.13
N THR A 110 -6.35 1.26 10.73
CA THR A 110 -6.27 2.60 11.30
C THR A 110 -6.64 2.59 12.80
N PRO A 111 -6.05 3.50 13.59
CA PRO A 111 -6.24 3.40 15.05
C PRO A 111 -7.68 3.43 15.50
N GLU A 112 -7.99 2.61 16.52
CA GLU A 112 -9.32 2.62 17.12
C GLU A 112 -9.57 3.93 17.87
AS CAC B . -3.12 8.50 -4.95
O1 CAC B . -4.77 8.26 -5.49
O2 CAC B . -2.61 10.14 -5.18
C1 CAC B . -3.05 7.98 -3.06
C2 CAC B . -1.84 7.34 -5.92
C1 GOL C . -0.37 17.05 -10.83
O1 GOL C . -1.11 18.27 -10.81
C2 GOL C . -0.36 16.42 -12.22
O2 GOL C . -0.44 17.43 -13.23
C3 GOL C . -1.53 15.49 -12.41
O3 GOL C . -1.65 15.18 -13.80
BR BR D . -3.96 16.64 1.47
BR BR E . -15.23 4.01 -3.48
BR BR F . -2.87 -10.81 7.37
BR BR G . 7.94 -13.73 -1.20
BR BR H . -3.49 16.11 -9.12
BR BR I . -3.38 -0.84 -16.30
BR BR J . -16.11 -2.41 -0.76
BR BR K . -13.46 -4.52 -6.30
BR BR L . -5.29 3.23 -15.40
BR BR M . 12.57 2.06 -10.32
BR BR N . 14.71 -2.24 1.65
BR BR O . 11.89 4.09 -0.91
BR BR P . 9.66 6.42 3.96
BR BR Q . -7.94 1.55 -1.58
BR BR R . -10.46 3.73 5.66
C FMT S . 4.60 -7.44 -13.87
O1 FMT S . 3.99 -8.19 -13.37
O2 FMT S . 6.12 -7.55 -13.75
#